data_3CYV
#
_entry.id   3CYV
#
_cell.length_a   68.406
_cell.length_b   136.170
_cell.length_c   77.845
_cell.angle_alpha   90.00
_cell.angle_beta   90.00
_cell.angle_gamma   90.00
#
_symmetry.space_group_name_H-M   'C 2 2 21'
#
loop_
_entity.id
_entity.type
_entity.pdbx_description
1 polymer 'Uroporphyrinogen decarboxylase'
2 water water
#
_entity_poly.entity_id   1
_entity_poly.type   'polypeptide(L)'
_entity_poly.pdbx_seq_one_letter_code
;MTELKNDRYLRALLRQPVDVTPVWMMRQAGRYLPEYKATRAQAGDFMSLCKNAELACEVTLQPLRRYPLDAAILFSDILT
VPDAMGLGLYFEAGEGPRFTSPVTCKADVDKLPIPDPEDELGYVMNAVRTIRHELKGEVPLIGFSGSPWTLATYMVEGGS
SKAFTVIKKMMYADPQALHALLDKLAKSVTLYLNAQIKAGAQAVMIFDTWGGVLTGRDYQQFSLYYMHKIVDGLLRENDG
RRVPVTLFTKGGGQWLEAMAETGCDALGLDWTTDIADARRRVGNKVALQGNMDPSMLYAPPARIEEEVATILAGFGHGEG
HVFNLGHGIHQDVPPEHAGVFVEAVHRLSEQYHR
;
_entity_poly.pdbx_strand_id   A
#
# COMPACT_ATOMS: atom_id res chain seq x y z
N GLU A 3 -6.36 13.49 19.18
CA GLU A 3 -4.98 13.22 19.70
C GLU A 3 -4.69 11.73 19.57
N LEU A 4 -3.52 11.40 19.03
CA LEU A 4 -3.09 10.00 18.83
C LEU A 4 -2.55 9.35 20.09
N LYS A 5 -2.89 8.08 20.28
CA LYS A 5 -2.45 7.30 21.43
C LYS A 5 -1.42 6.23 21.01
N ASN A 6 -1.73 5.49 19.95
CA ASN A 6 -0.82 4.45 19.48
C ASN A 6 0.30 5.05 18.64
N ASP A 7 1.53 4.79 19.08
CA ASP A 7 2.72 5.27 18.41
C ASP A 7 3.41 4.19 17.58
N ARG A 8 3.46 2.97 18.13
CA ARG A 8 4.13 1.82 17.49
C ARG A 8 4.42 1.90 16.00
N TYR A 9 3.36 1.86 15.20
CA TYR A 9 3.51 1.91 13.76
C TYR A 9 4.47 3.03 13.35
N LEU A 10 4.10 4.27 13.67
CA LEU A 10 4.90 5.44 13.34
C LEU A 10 6.35 5.36 13.85
N ARG A 11 6.55 4.85 15.06
CA ARG A 11 7.90 4.72 15.62
C ARG A 11 8.71 3.67 14.82
N ALA A 12 8.17 2.46 14.71
CA ALA A 12 8.85 1.38 13.99
C ALA A 12 9.32 1.79 12.58
N LEU A 13 8.45 2.41 11.78
CA LEU A 13 8.81 2.86 10.43
C LEU A 13 10.03 3.80 10.49
N LEU A 14 10.14 4.52 11.60
CA LEU A 14 11.23 5.46 11.81
C LEU A 14 12.39 4.81 12.54
N ARG A 15 12.35 3.48 12.67
CA ARG A 15 13.41 2.73 13.36
C ARG A 15 13.65 3.21 14.79
N GLN A 16 12.59 3.67 15.44
CA GLN A 16 12.66 4.15 16.80
C GLN A 16 12.15 3.07 17.76
N PRO A 17 12.81 2.92 18.92
CA PRO A 17 12.37 1.90 19.88
C PRO A 17 10.86 1.79 20.14
N VAL A 18 10.41 0.55 20.30
CA VAL A 18 9.02 0.24 20.60
C VAL A 18 9.01 -0.91 21.60
N ASP A 19 7.91 -1.05 22.33
CA ASP A 19 7.80 -2.10 23.34
C ASP A 19 7.56 -3.47 22.72
N VAL A 20 6.80 -3.46 21.63
CA VAL A 20 6.46 -4.66 20.90
C VAL A 20 6.49 -4.28 19.43
N THR A 21 6.54 -5.26 18.54
CA THR A 21 6.54 -4.96 17.11
C THR A 21 5.10 -4.62 16.71
N PRO A 22 4.92 -3.74 15.72
CA PRO A 22 3.56 -3.39 15.31
C PRO A 22 3.05 -4.32 14.19
N VAL A 23 1.72 -4.38 14.05
CA VAL A 23 1.09 -5.21 13.03
C VAL A 23 -0.10 -4.56 12.35
N TRP A 24 -0.30 -4.95 11.09
CA TRP A 24 -1.45 -4.52 10.29
C TRP A 24 -1.37 -5.39 9.04
N MET A 25 -2.53 -5.77 8.52
CA MET A 25 -2.60 -6.65 7.36
C MET A 25 -3.12 -5.93 6.12
N MET A 26 -2.45 -6.19 4.99
CA MET A 26 -2.83 -5.61 3.71
C MET A 26 -4.19 -6.17 3.33
N ARG A 27 -5.11 -5.27 2.96
CA ARG A 27 -6.47 -5.65 2.60
C ARG A 27 -7.19 -6.23 3.82
N GLN A 28 -7.05 -5.54 4.95
CA GLN A 28 -7.70 -5.95 6.19
C GLN A 28 -9.17 -5.57 6.11
N ALA A 29 -9.47 -4.74 5.12
CA ALA A 29 -10.82 -4.33 4.85
C ALA A 29 -11.14 -5.16 3.60
N GLY A 30 -11.48 -6.42 3.81
CA GLY A 30 -11.78 -7.30 2.69
C GLY A 30 -12.86 -8.34 2.94
N ARG A 31 -13.19 -9.08 1.90
CA ARG A 31 -14.24 -10.10 1.96
C ARG A 31 -14.11 -11.18 3.04
N TYR A 32 -12.90 -11.43 3.53
CA TYR A 32 -12.75 -12.43 4.58
C TYR A 32 -13.60 -12.03 5.78
N LEU A 33 -14.03 -10.78 5.84
CA LEU A 33 -14.88 -10.32 6.94
C LEU A 33 -16.34 -10.32 6.50
N PRO A 34 -17.16 -11.20 7.11
CA PRO A 34 -18.59 -11.29 6.76
C PRO A 34 -19.25 -9.90 6.75
N GLU A 35 -18.96 -9.10 7.78
CA GLU A 35 -19.52 -7.77 7.88
C GLU A 35 -19.04 -6.88 6.73
N TYR A 36 -17.92 -7.23 6.12
CA TYR A 36 -17.40 -6.46 4.99
C TYR A 36 -18.26 -6.74 3.77
N LYS A 37 -18.48 -8.03 3.50
CA LYS A 37 -19.29 -8.44 2.36
C LYS A 37 -20.66 -7.78 2.40
N ALA A 38 -21.15 -7.49 3.62
CA ALA A 38 -22.45 -6.84 3.80
C ALA A 38 -22.43 -5.38 3.37
N THR A 39 -21.60 -4.59 4.04
CA THR A 39 -21.48 -3.18 3.72
C THR A 39 -21.26 -2.95 2.21
N ARG A 40 -20.50 -3.86 1.59
CA ARG A 40 -20.20 -3.76 0.16
C ARG A 40 -21.48 -3.89 -0.66
N ALA A 41 -22.46 -4.58 -0.09
CA ALA A 41 -23.74 -4.80 -0.74
C ALA A 41 -24.63 -3.57 -0.53
N GLN A 42 -24.33 -2.79 0.50
CA GLN A 42 -25.08 -1.56 0.79
C GLN A 42 -24.66 -0.50 -0.21
N ALA A 43 -23.38 -0.53 -0.58
CA ALA A 43 -22.83 0.43 -1.54
C ALA A 43 -23.30 0.11 -2.96
N GLY A 44 -23.54 -1.16 -3.24
CA GLY A 44 -24.00 -1.59 -4.56
C GLY A 44 -22.90 -2.29 -5.31
N ASP A 45 -21.92 -1.52 -5.76
CA ASP A 45 -20.78 -2.06 -6.47
C ASP A 45 -19.56 -1.52 -5.73
N PHE A 46 -18.40 -2.12 -5.99
CA PHE A 46 -17.15 -1.71 -5.34
C PHE A 46 -16.87 -0.24 -5.59
N MET A 47 -17.07 0.16 -6.85
CA MET A 47 -16.84 1.52 -7.29
C MET A 47 -17.45 2.58 -6.38
N SER A 48 -18.73 2.39 -6.05
CA SER A 48 -19.44 3.32 -5.20
C SER A 48 -19.05 3.16 -3.74
N LEU A 49 -18.64 1.96 -3.37
CA LEU A 49 -18.23 1.69 -1.99
C LEU A 49 -17.04 2.58 -1.71
N CYS A 50 -16.18 2.71 -2.70
CA CYS A 50 -14.98 3.52 -2.58
C CYS A 50 -15.28 5.02 -2.63
N LYS A 51 -16.47 5.40 -3.11
CA LYS A 51 -16.85 6.81 -3.20
C LYS A 51 -17.74 7.27 -2.04
N ASN A 52 -18.25 6.33 -1.25
CA ASN A 52 -19.11 6.65 -0.13
C ASN A 52 -18.28 6.77 1.14
N ALA A 53 -18.18 7.99 1.67
CA ALA A 53 -17.37 8.25 2.88
C ALA A 53 -17.79 7.47 4.12
N GLU A 54 -19.07 7.47 4.45
CA GLU A 54 -19.57 6.77 5.64
C GLU A 54 -19.25 5.28 5.61
N LEU A 55 -19.60 4.64 4.49
CA LEU A 55 -19.38 3.22 4.31
C LEU A 55 -17.90 2.87 4.11
N ALA A 56 -17.16 3.75 3.44
CA ALA A 56 -15.73 3.52 3.21
C ALA A 56 -15.01 3.45 4.55
N CYS A 57 -15.44 4.32 5.46
CA CYS A 57 -14.86 4.39 6.79
C CYS A 57 -15.22 3.13 7.56
N GLU A 58 -16.52 2.87 7.64
CA GLU A 58 -17.06 1.70 8.33
C GLU A 58 -16.26 0.42 8.08
N VAL A 59 -15.94 0.14 6.81
CA VAL A 59 -15.19 -1.06 6.45
C VAL A 59 -13.74 -0.97 6.92
N THR A 60 -13.25 0.26 7.04
CA THR A 60 -11.89 0.51 7.48
C THR A 60 -11.85 0.29 8.99
N LEU A 61 -13.00 0.46 9.63
CA LEU A 61 -13.13 0.30 11.06
C LEU A 61 -13.47 -1.13 11.52
N GLN A 62 -14.10 -1.90 10.64
CA GLN A 62 -14.48 -3.26 10.97
C GLN A 62 -13.32 -4.12 11.49
N PRO A 63 -12.13 -4.01 10.87
CA PRO A 63 -10.98 -4.81 11.30
C PRO A 63 -10.50 -4.48 12.72
N LEU A 64 -10.56 -3.20 13.06
CA LEU A 64 -10.13 -2.74 14.37
C LEU A 64 -11.03 -3.19 15.51
N ARG A 65 -12.25 -3.60 15.19
CA ARG A 65 -13.19 -4.05 16.21
C ARG A 65 -13.09 -5.55 16.44
N ARG A 66 -12.20 -6.19 15.70
CA ARG A 66 -11.98 -7.63 15.82
C ARG A 66 -10.55 -7.90 16.28
N TYR A 67 -9.61 -7.22 15.64
CA TYR A 67 -8.19 -7.38 15.95
C TYR A 67 -7.52 -6.06 16.30
N PRO A 68 -6.92 -5.98 17.48
CA PRO A 68 -6.26 -4.72 17.84
C PRO A 68 -4.98 -4.50 17.00
N LEU A 69 -5.19 -4.01 15.79
CA LEU A 69 -4.11 -3.73 14.85
C LEU A 69 -3.53 -2.34 15.14
N ASP A 70 -2.21 -2.21 15.04
CA ASP A 70 -1.53 -0.95 15.31
C ASP A 70 -1.71 0.14 14.24
N ALA A 71 -2.43 -0.17 13.17
CA ALA A 71 -2.65 0.82 12.12
C ALA A 71 -3.77 0.42 11.18
N ALA A 72 -4.44 1.44 10.63
CA ALA A 72 -5.55 1.27 9.70
C ALA A 72 -5.24 1.95 8.36
N ILE A 73 -5.69 1.36 7.25
CA ILE A 73 -5.46 1.93 5.92
C ILE A 73 -6.80 2.26 5.23
N LEU A 74 -6.98 3.53 4.88
CA LEU A 74 -8.24 3.95 4.28
C LEU A 74 -8.63 2.99 3.21
N PHE A 75 -9.93 2.74 3.09
CA PHE A 75 -10.42 1.84 2.06
C PHE A 75 -10.62 2.64 0.79
N SER A 76 -9.86 2.31 -0.23
CA SER A 76 -9.95 3.01 -1.49
C SER A 76 -9.35 2.09 -2.54
N ASP A 77 -9.16 2.61 -3.75
CA ASP A 77 -8.57 1.81 -4.82
C ASP A 77 -7.36 2.52 -5.43
N ILE A 78 -6.43 1.72 -5.91
CA ILE A 78 -5.22 2.22 -6.54
C ILE A 78 -5.60 3.01 -7.82
N LEU A 79 -6.63 2.53 -8.51
CA LEU A 79 -7.09 3.16 -9.75
C LEU A 79 -7.93 4.41 -9.53
N THR A 80 -7.78 5.02 -8.37
CA THR A 80 -8.51 6.23 -8.05
C THR A 80 -8.07 7.34 -9.01
N VAL A 81 -6.76 7.58 -9.07
CA VAL A 81 -6.20 8.61 -9.93
C VAL A 81 -6.46 8.41 -11.43
N PRO A 82 -6.25 7.19 -11.96
CA PRO A 82 -6.48 6.93 -13.39
C PRO A 82 -7.97 7.07 -13.73
N ASP A 83 -8.82 6.79 -12.75
CA ASP A 83 -10.26 6.91 -12.94
C ASP A 83 -10.64 8.37 -13.11
N ALA A 84 -9.93 9.24 -12.41
CA ALA A 84 -10.19 10.67 -12.51
C ALA A 84 -9.43 11.30 -13.67
N MET A 85 -9.08 10.51 -14.67
CA MET A 85 -8.34 11.06 -15.81
C MET A 85 -9.10 10.92 -17.11
N GLY A 86 -10.42 10.67 -16.97
CA GLY A 86 -11.40 10.50 -18.04
C GLY A 86 -11.17 9.28 -18.91
N LEU A 87 -10.90 8.11 -18.33
CA LEU A 87 -10.61 6.97 -19.19
C LEU A 87 -11.61 5.81 -19.35
N GLY A 88 -12.67 5.79 -18.53
CA GLY A 88 -13.66 4.73 -18.63
C GLY A 88 -13.17 3.52 -17.88
N LEU A 89 -13.37 3.55 -16.56
CA LEU A 89 -12.95 2.45 -15.71
C LEU A 89 -14.11 1.80 -14.96
N TYR A 90 -14.23 0.48 -15.10
CA TYR A 90 -15.27 -0.26 -14.40
C TYR A 90 -14.68 -1.49 -13.72
N PHE A 91 -15.31 -1.90 -12.61
CA PHE A 91 -14.87 -3.05 -11.83
C PHE A 91 -15.77 -4.27 -11.94
N GLU A 92 -15.54 -5.07 -12.98
CA GLU A 92 -16.34 -6.28 -13.22
C GLU A 92 -16.01 -7.33 -12.17
N ALA A 93 -16.94 -7.55 -11.23
CA ALA A 93 -16.77 -8.53 -10.15
C ALA A 93 -16.34 -9.91 -10.66
N GLY A 94 -16.25 -10.03 -11.99
CA GLY A 94 -15.83 -11.28 -12.60
C GLY A 94 -14.47 -11.07 -13.25
N GLU A 95 -14.48 -10.48 -14.44
CA GLU A 95 -13.26 -10.20 -15.20
C GLU A 95 -12.24 -9.43 -14.34
N GLY A 96 -12.34 -8.10 -14.35
CA GLY A 96 -11.43 -7.25 -13.59
C GLY A 96 -11.48 -5.78 -13.95
N PRO A 97 -10.55 -4.96 -13.42
CA PRO A 97 -10.50 -3.52 -13.70
C PRO A 97 -10.26 -3.30 -15.18
N ARG A 98 -11.18 -2.61 -15.85
CA ARG A 98 -11.03 -2.39 -17.29
C ARG A 98 -11.15 -0.92 -17.70
N PHE A 99 -10.49 -0.58 -18.81
CA PHE A 99 -10.48 0.78 -19.35
C PHE A 99 -10.92 0.80 -20.80
N THR A 100 -11.88 1.67 -21.11
CA THR A 100 -12.40 1.79 -22.46
C THR A 100 -11.48 2.61 -23.36
N SER A 101 -10.71 3.52 -22.78
CA SER A 101 -9.81 4.35 -23.56
C SER A 101 -8.40 4.34 -22.99
N PRO A 102 -7.69 3.21 -23.13
CA PRO A 102 -6.32 3.05 -22.63
C PRO A 102 -5.35 4.01 -23.29
N VAL A 103 -4.44 4.58 -22.50
CA VAL A 103 -3.47 5.50 -23.05
C VAL A 103 -2.59 4.69 -24.02
N THR A 104 -2.68 5.05 -25.30
CA THR A 104 -1.98 4.38 -26.40
C THR A 104 -0.68 5.03 -26.84
N CYS A 105 -0.78 6.23 -27.40
CA CYS A 105 0.40 6.94 -27.88
C CYS A 105 0.63 8.26 -27.12
N LYS A 106 1.45 9.12 -27.71
CA LYS A 106 1.77 10.42 -27.13
C LYS A 106 0.57 11.34 -26.93
N ALA A 107 -0.28 11.44 -27.96
CA ALA A 107 -1.46 12.27 -27.87
C ALA A 107 -2.19 11.90 -26.58
N ASP A 108 -2.48 10.61 -26.42
CA ASP A 108 -3.17 10.13 -25.23
C ASP A 108 -2.56 10.67 -23.94
N VAL A 109 -1.24 10.83 -23.94
CA VAL A 109 -0.53 11.29 -22.76
C VAL A 109 -0.59 12.80 -22.60
N ASP A 110 -0.33 13.52 -23.68
CA ASP A 110 -0.36 14.97 -23.63
C ASP A 110 -1.75 15.46 -23.24
N LYS A 111 -2.78 14.75 -23.69
CA LYS A 111 -4.16 15.11 -23.38
C LYS A 111 -4.56 14.71 -21.97
N LEU A 112 -3.78 13.82 -21.37
CA LEU A 112 -4.05 13.35 -20.02
C LEU A 112 -3.97 14.50 -19.01
N PRO A 113 -5.00 14.65 -18.15
CA PRO A 113 -5.06 15.71 -17.15
C PRO A 113 -4.66 15.35 -15.71
N ILE A 114 -4.14 16.36 -14.99
CA ILE A 114 -3.73 16.22 -13.60
C ILE A 114 -4.95 16.54 -12.74
N PRO A 115 -5.53 15.53 -12.07
CA PRO A 115 -6.71 15.81 -11.25
C PRO A 115 -6.45 16.53 -9.93
N ASP A 116 -7.35 17.44 -9.56
CA ASP A 116 -7.19 18.15 -8.30
C ASP A 116 -7.71 17.21 -7.22
N PRO A 117 -6.82 16.75 -6.34
CA PRO A 117 -7.24 15.84 -5.29
C PRO A 117 -8.49 16.29 -4.54
N GLU A 118 -8.50 17.54 -4.07
CA GLU A 118 -9.65 18.02 -3.33
C GLU A 118 -10.88 18.14 -4.22
N ASP A 119 -10.67 18.40 -5.50
CA ASP A 119 -11.76 18.55 -6.46
C ASP A 119 -12.28 17.19 -6.97
N GLU A 120 -11.75 16.70 -8.10
CA GLU A 120 -12.19 15.42 -8.68
C GLU A 120 -11.95 14.15 -7.86
N LEU A 121 -10.97 14.18 -6.97
CA LEU A 121 -10.69 13.00 -6.14
C LEU A 121 -11.02 13.35 -4.69
N GLY A 122 -11.80 14.41 -4.55
CA GLY A 122 -12.18 14.89 -3.24
C GLY A 122 -13.01 13.93 -2.42
N TYR A 123 -13.31 12.76 -2.96
CA TYR A 123 -14.11 11.81 -2.20
C TYR A 123 -13.23 10.88 -1.37
N VAL A 124 -12.01 10.64 -1.83
CA VAL A 124 -11.09 9.80 -1.08
C VAL A 124 -10.54 10.66 0.06
N MET A 125 -10.64 11.97 -0.12
CA MET A 125 -10.19 12.93 0.88
C MET A 125 -11.25 13.01 1.96
N ASN A 126 -12.49 12.79 1.57
CA ASN A 126 -13.59 12.83 2.51
C ASN A 126 -13.50 11.69 3.48
N ALA A 127 -13.25 10.50 2.95
CA ALA A 127 -13.12 9.32 3.77
C ALA A 127 -12.01 9.56 4.79
N VAL A 128 -10.87 10.06 4.32
CA VAL A 128 -9.75 10.34 5.22
C VAL A 128 -10.23 11.17 6.40
N ARG A 129 -10.87 12.30 6.11
CA ARG A 129 -11.38 13.18 7.15
C ARG A 129 -12.31 12.43 8.09
N THR A 130 -13.20 11.62 7.52
CA THR A 130 -14.15 10.87 8.29
C THR A 130 -13.44 9.86 9.18
N ILE A 131 -12.64 8.99 8.56
CA ILE A 131 -11.91 7.96 9.30
C ILE A 131 -11.08 8.50 10.45
N ARG A 132 -10.37 9.59 10.23
CA ARG A 132 -9.56 10.19 11.27
C ARG A 132 -10.40 10.57 12.47
N HIS A 133 -11.53 11.22 12.21
CA HIS A 133 -12.44 11.64 13.26
C HIS A 133 -13.11 10.43 13.89
N GLU A 134 -13.18 9.34 13.14
CA GLU A 134 -13.79 8.12 13.64
C GLU A 134 -12.83 7.34 14.51
N LEU A 135 -11.60 7.20 14.03
CA LEU A 135 -10.57 6.48 14.78
C LEU A 135 -10.40 7.04 16.18
N LYS A 136 -10.95 8.23 16.42
CA LYS A 136 -10.86 8.89 17.70
C LYS A 136 -9.51 8.64 18.41
N GLY A 137 -8.43 8.96 17.69
CA GLY A 137 -7.07 8.82 18.20
C GLY A 137 -6.49 7.43 18.48
N GLU A 138 -7.33 6.40 18.37
CA GLU A 138 -6.92 5.03 18.65
C GLU A 138 -5.73 4.48 17.86
N VAL A 139 -5.56 4.95 16.64
CA VAL A 139 -4.48 4.42 15.81
C VAL A 139 -4.22 5.33 14.62
N PRO A 140 -3.00 5.29 14.07
CA PRO A 140 -2.73 6.15 12.91
C PRO A 140 -3.37 5.65 11.63
N LEU A 141 -3.77 6.59 10.77
CA LEU A 141 -4.40 6.28 9.49
C LEU A 141 -3.39 6.30 8.35
N ILE A 142 -3.38 5.25 7.55
CA ILE A 142 -2.47 5.16 6.41
C ILE A 142 -3.19 5.60 5.13
N GLY A 143 -2.55 6.48 4.37
CA GLY A 143 -3.10 6.90 3.10
C GLY A 143 -2.31 6.13 2.05
N PHE A 144 -2.92 5.75 0.93
CA PHE A 144 -2.16 4.99 -0.07
C PHE A 144 -2.45 5.37 -1.51
N SER A 145 -1.62 4.84 -2.41
CA SER A 145 -1.75 5.07 -3.84
C SER A 145 -0.79 4.15 -4.58
N GLY A 146 -1.10 3.85 -5.83
CA GLY A 146 -0.21 3.01 -6.62
C GLY A 146 0.96 3.87 -7.06
N SER A 147 2.03 3.24 -7.55
CA SER A 147 3.18 4.00 -8.02
C SER A 147 2.93 4.41 -9.45
N PRO A 148 3.65 5.42 -9.94
CA PRO A 148 3.46 5.89 -11.32
C PRO A 148 3.44 4.76 -12.35
N TRP A 149 4.37 3.82 -12.23
CA TRP A 149 4.44 2.74 -13.20
C TRP A 149 3.33 1.69 -13.22
N THR A 150 3.05 1.08 -12.07
CA THR A 150 2.00 0.05 -12.01
C THR A 150 0.67 0.67 -12.43
N LEU A 151 0.49 1.97 -12.20
CA LEU A 151 -0.72 2.68 -12.60
C LEU A 151 -0.72 2.82 -14.13
N ALA A 152 0.40 3.25 -14.67
CA ALA A 152 0.52 3.41 -16.12
C ALA A 152 0.30 2.06 -16.79
N THR A 153 0.44 1.00 -16.01
CA THR A 153 0.24 -0.34 -16.53
C THR A 153 -1.20 -0.52 -16.93
N TYR A 154 -2.09 -0.35 -15.96
CA TYR A 154 -3.53 -0.47 -16.19
C TYR A 154 -3.99 0.55 -17.23
N MET A 155 -3.39 1.74 -17.20
CA MET A 155 -3.78 2.81 -18.13
C MET A 155 -3.37 2.49 -19.58
N VAL A 156 -2.35 1.65 -19.74
CA VAL A 156 -1.91 1.28 -21.08
C VAL A 156 -2.50 -0.08 -21.45
N GLU A 157 -2.37 -1.04 -20.52
CA GLU A 157 -2.92 -2.38 -20.76
C GLU A 157 -4.44 -2.29 -20.79
N GLY A 158 -4.99 -1.36 -20.02
CA GLY A 158 -6.43 -1.19 -19.97
C GLY A 158 -7.03 -1.94 -18.80
N GLY A 159 -6.15 -2.57 -18.03
CA GLY A 159 -6.58 -3.34 -16.88
C GLY A 159 -5.40 -4.14 -16.35
N SER A 160 -5.64 -5.41 -16.06
CA SER A 160 -4.58 -6.26 -15.57
C SER A 160 -4.13 -7.14 -16.72
N SER A 161 -2.84 -7.08 -17.03
CA SER A 161 -2.30 -7.90 -18.11
C SER A 161 -1.49 -9.00 -17.42
N LYS A 162 -1.40 -10.16 -18.05
CA LYS A 162 -0.63 -11.23 -17.44
C LYS A 162 0.79 -11.16 -17.94
N ALA A 163 1.01 -10.42 -19.02
CA ALA A 163 2.35 -10.29 -19.58
C ALA A 163 2.81 -8.84 -19.77
N PHE A 164 1.91 -7.87 -19.58
CA PHE A 164 2.22 -6.45 -19.74
C PHE A 164 2.85 -6.22 -21.11
N THR A 165 2.35 -6.99 -22.07
CA THR A 165 2.81 -6.96 -23.44
C THR A 165 2.77 -5.60 -24.12
N VAL A 166 1.89 -4.72 -23.66
CA VAL A 166 1.72 -3.40 -24.28
C VAL A 166 2.60 -2.27 -23.72
N ILE A 167 2.63 -2.09 -22.41
CA ILE A 167 3.45 -1.02 -21.81
C ILE A 167 4.88 -1.14 -22.32
N LYS A 168 5.36 -2.37 -22.38
CA LYS A 168 6.71 -2.68 -22.80
C LYS A 168 6.96 -2.42 -24.27
N LYS A 169 5.94 -2.65 -25.09
CA LYS A 169 6.07 -2.39 -26.51
C LYS A 169 6.27 -0.89 -26.60
N MET A 170 5.66 -0.19 -25.65
CA MET A 170 5.74 1.26 -25.58
C MET A 170 7.11 1.64 -25.04
N MET A 171 7.45 1.04 -23.91
CA MET A 171 8.71 1.26 -23.23
C MET A 171 9.94 1.09 -24.13
N TYR A 172 9.97 -0.02 -24.85
CA TYR A 172 11.09 -0.36 -25.72
C TYR A 172 11.02 0.23 -27.12
N ALA A 173 9.92 0.87 -27.46
CA ALA A 173 9.78 1.44 -28.80
C ALA A 173 9.36 2.91 -28.78
N ASP A 174 8.81 3.37 -27.66
CA ASP A 174 8.36 4.75 -27.53
C ASP A 174 8.57 5.23 -26.09
N PRO A 175 9.81 5.11 -25.57
CA PRO A 175 10.22 5.51 -24.22
C PRO A 175 9.88 6.94 -23.81
N GLN A 176 10.01 7.87 -24.74
CA GLN A 176 9.71 9.27 -24.45
C GLN A 176 8.22 9.38 -24.07
N ALA A 177 7.40 8.57 -24.73
CA ALA A 177 5.97 8.57 -24.46
C ALA A 177 5.71 8.00 -23.07
N LEU A 178 6.27 6.82 -22.79
CA LEU A 178 6.08 6.20 -21.48
C LEU A 178 6.54 7.14 -20.36
N HIS A 179 7.60 7.89 -20.64
CA HIS A 179 8.12 8.86 -19.67
C HIS A 179 7.16 10.05 -19.57
N ALA A 180 6.69 10.54 -20.70
CA ALA A 180 5.77 11.66 -20.68
C ALA A 180 4.69 11.26 -19.69
N LEU A 181 4.21 10.04 -19.86
CA LEU A 181 3.15 9.50 -19.03
C LEU A 181 3.55 9.37 -17.56
N LEU A 182 4.57 8.57 -17.32
CA LEU A 182 5.02 8.34 -15.96
C LEU A 182 5.31 9.62 -15.19
N ASP A 183 5.82 10.63 -15.89
CA ASP A 183 6.13 11.88 -15.21
C ASP A 183 4.87 12.55 -14.73
N LYS A 184 3.88 12.64 -15.62
CA LYS A 184 2.60 13.25 -15.27
C LYS A 184 2.03 12.52 -14.07
N LEU A 185 2.11 11.18 -14.11
CA LEU A 185 1.61 10.33 -13.03
C LEU A 185 2.35 10.59 -11.74
N ALA A 186 3.60 11.00 -11.85
CA ALA A 186 4.37 11.29 -10.66
C ALA A 186 3.78 12.55 -10.05
N LYS A 187 3.74 13.64 -10.83
CA LYS A 187 3.18 14.89 -10.33
C LYS A 187 1.83 14.65 -9.69
N SER A 188 0.97 13.97 -10.41
CA SER A 188 -0.36 13.65 -9.93
C SER A 188 -0.40 13.03 -8.54
N VAL A 189 0.07 11.80 -8.44
CA VAL A 189 0.05 11.10 -7.15
C VAL A 189 0.71 11.89 -6.02
N THR A 190 1.70 12.71 -6.31
CA THR A 190 2.34 13.51 -5.26
C THR A 190 1.31 14.45 -4.66
N LEU A 191 0.52 15.08 -5.53
CA LEU A 191 -0.54 15.98 -5.10
C LEU A 191 -1.58 15.16 -4.39
N TYR A 192 -1.86 14.00 -4.98
CA TYR A 192 -2.85 13.08 -4.45
C TYR A 192 -2.53 12.66 -3.02
N LEU A 193 -1.29 12.26 -2.80
CA LEU A 193 -0.86 11.81 -1.47
C LEU A 193 -0.79 12.93 -0.44
N ASN A 194 -0.38 14.12 -0.84
CA ASN A 194 -0.30 15.23 0.10
C ASN A 194 -1.70 15.60 0.61
N ALA A 195 -2.68 15.55 -0.29
CA ALA A 195 -4.04 15.85 0.10
C ALA A 195 -4.49 14.89 1.21
N GLN A 196 -4.14 13.62 1.09
CA GLN A 196 -4.49 12.63 2.11
C GLN A 196 -3.81 13.02 3.43
N ILE A 197 -2.52 13.31 3.35
CA ILE A 197 -1.72 13.72 4.50
C ILE A 197 -2.36 14.92 5.19
N LYS A 198 -2.86 15.85 4.39
CA LYS A 198 -3.51 17.05 4.91
C LYS A 198 -4.88 16.76 5.48
N ALA A 199 -5.58 15.82 4.86
CA ALA A 199 -6.91 15.47 5.29
C ALA A 199 -6.94 14.47 6.44
N GLY A 200 -5.78 14.24 7.07
CA GLY A 200 -5.76 13.32 8.20
C GLY A 200 -4.77 12.16 8.19
N ALA A 201 -4.34 11.74 7.00
CA ALA A 201 -3.37 10.66 6.86
C ALA A 201 -2.15 10.97 7.72
N GLN A 202 -1.77 10.02 8.57
CA GLN A 202 -0.63 10.23 9.46
C GLN A 202 0.58 9.48 8.93
N ALA A 203 0.32 8.61 7.95
CA ALA A 203 1.35 7.84 7.29
C ALA A 203 0.89 7.69 5.85
N VAL A 204 1.73 7.07 5.03
CA VAL A 204 1.38 6.88 3.63
C VAL A 204 2.20 5.74 3.02
N MET A 205 1.63 5.11 1.98
CA MET A 205 2.31 4.01 1.32
C MET A 205 2.01 3.93 -0.18
N ILE A 206 3.05 3.66 -0.97
CA ILE A 206 2.93 3.53 -2.43
C ILE A 206 3.06 2.07 -2.87
N PHE A 207 2.08 1.60 -3.65
CA PHE A 207 2.07 0.23 -4.15
C PHE A 207 2.55 0.21 -5.60
N ASP A 208 3.73 -0.39 -5.81
CA ASP A 208 4.29 -0.53 -7.15
C ASP A 208 4.25 -2.03 -7.39
N THR A 209 3.06 -2.57 -7.17
CA THR A 209 2.82 -4.01 -7.31
C THR A 209 3.39 -4.70 -8.56
N TRP A 210 3.69 -3.95 -9.61
CA TRP A 210 4.23 -4.61 -10.80
C TRP A 210 5.68 -4.31 -11.14
N GLY A 211 6.34 -3.47 -10.35
CA GLY A 211 7.73 -3.14 -10.62
C GLY A 211 8.64 -4.34 -10.84
N GLY A 212 8.35 -5.45 -10.17
CA GLY A 212 9.18 -6.62 -10.29
C GLY A 212 9.09 -7.39 -11.59
N VAL A 213 8.31 -6.89 -12.54
CA VAL A 213 8.17 -7.57 -13.82
C VAL A 213 9.17 -6.97 -14.79
N LEU A 214 10.00 -6.07 -14.25
CA LEU A 214 10.99 -5.35 -15.03
C LEU A 214 12.46 -5.71 -14.80
N THR A 215 13.29 -5.29 -15.74
CA THR A 215 14.73 -5.49 -15.66
C THR A 215 15.19 -4.64 -14.49
N GLY A 216 16.43 -4.81 -14.05
CA GLY A 216 16.93 -3.98 -12.99
C GLY A 216 17.24 -2.61 -13.55
N ARG A 217 17.56 -2.57 -14.84
CA ARG A 217 17.86 -1.33 -15.54
C ARG A 217 16.57 -0.55 -15.69
N ASP A 218 15.59 -1.19 -16.32
CA ASP A 218 14.30 -0.57 -16.55
C ASP A 218 13.53 -0.32 -15.27
N TYR A 219 13.73 -1.17 -14.26
CA TYR A 219 13.01 -0.96 -13.02
C TYR A 219 13.36 0.39 -12.42
N GLN A 220 14.63 0.75 -12.57
CA GLN A 220 15.16 2.00 -12.05
C GLN A 220 14.84 3.19 -12.92
N GLN A 221 14.86 2.99 -14.23
CA GLN A 221 14.57 4.06 -15.18
C GLN A 221 13.11 4.48 -15.12
N PHE A 222 12.25 3.48 -15.28
CA PHE A 222 10.82 3.70 -15.35
C PHE A 222 9.99 3.49 -14.09
N SER A 223 10.62 3.19 -12.96
CA SER A 223 9.81 2.99 -11.77
C SER A 223 10.38 3.66 -10.55
N LEU A 224 11.60 3.29 -10.18
CA LEU A 224 12.20 3.86 -8.99
C LEU A 224 12.31 5.37 -9.09
N TYR A 225 12.92 5.86 -10.17
CA TYR A 225 13.06 7.30 -10.32
C TYR A 225 11.80 8.06 -9.95
N TYR A 226 10.68 7.57 -10.46
CA TYR A 226 9.40 8.24 -10.25
C TYR A 226 8.81 8.13 -8.87
N MET A 227 9.04 7.01 -8.20
CA MET A 227 8.52 6.89 -6.85
C MET A 227 9.39 7.82 -6.02
N HIS A 228 10.68 7.84 -6.34
CA HIS A 228 11.64 8.67 -5.65
C HIS A 228 11.18 10.12 -5.67
N LYS A 229 10.78 10.59 -6.85
CA LYS A 229 10.32 11.96 -7.04
C LYS A 229 9.21 12.27 -6.05
N ILE A 230 8.27 11.34 -5.91
CA ILE A 230 7.15 11.52 -5.00
C ILE A 230 7.69 11.83 -3.62
N VAL A 231 8.62 11.00 -3.16
CA VAL A 231 9.23 11.17 -1.83
C VAL A 231 9.93 12.52 -1.71
N ASP A 232 10.64 12.93 -2.74
CA ASP A 232 11.33 14.20 -2.71
C ASP A 232 10.31 15.32 -2.61
N GLY A 233 9.08 14.99 -2.98
CA GLY A 233 8.01 15.99 -2.97
C GLY A 233 6.90 15.79 -1.97
N LEU A 234 6.97 14.74 -1.14
CA LEU A 234 5.96 14.49 -0.12
C LEU A 234 6.37 15.26 1.13
N LEU A 235 5.40 15.71 1.92
CA LEU A 235 5.77 16.43 3.15
C LEU A 235 5.89 15.42 4.27
N ARG A 236 7.12 15.27 4.75
CA ARG A 236 7.44 14.32 5.78
C ARG A 236 6.90 14.67 7.16
N GLU A 237 6.23 15.83 7.26
CA GLU A 237 5.70 16.27 8.53
C GLU A 237 4.34 16.98 8.39
N ASN A 238 3.51 16.82 9.42
CA ASN A 238 2.17 17.41 9.48
C ASN A 238 1.56 17.07 10.85
N ASP A 239 0.70 17.94 11.36
CA ASP A 239 0.05 17.76 12.66
C ASP A 239 1.05 17.51 13.80
N GLY A 240 2.20 18.21 13.74
CA GLY A 240 3.22 18.08 14.77
C GLY A 240 4.02 16.79 14.70
N ARG A 241 3.66 15.94 13.74
CA ARG A 241 4.30 14.65 13.58
C ARG A 241 4.99 14.43 12.23
N ARG A 242 6.04 13.63 12.26
CA ARG A 242 6.72 13.28 11.03
C ARG A 242 5.81 12.23 10.41
N VAL A 243 5.44 12.42 9.16
CA VAL A 243 4.58 11.45 8.49
C VAL A 243 5.48 10.51 7.74
N PRO A 244 5.36 9.21 8.00
CA PRO A 244 6.19 8.21 7.34
C PRO A 244 5.81 7.85 5.89
N VAL A 245 6.76 7.31 5.14
CA VAL A 245 6.53 6.89 3.75
C VAL A 245 7.08 5.48 3.52
N THR A 246 6.22 4.60 3.01
CA THR A 246 6.63 3.23 2.74
C THR A 246 6.46 2.93 1.24
N LEU A 247 7.51 2.38 0.62
CA LEU A 247 7.46 2.02 -0.81
C LEU A 247 7.36 0.52 -0.84
N PHE A 248 6.67 -0.03 -1.85
CA PHE A 248 6.50 -1.48 -1.93
C PHE A 248 6.37 -2.10 -3.32
N THR A 249 7.47 -2.71 -3.79
CA THR A 249 7.47 -3.38 -5.09
C THR A 249 7.45 -4.90 -4.87
N LYS A 250 6.27 -5.50 -4.94
CA LYS A 250 6.13 -6.94 -4.79
C LYS A 250 7.10 -7.63 -5.73
N GLY A 251 7.87 -8.56 -5.21
CA GLY A 251 8.83 -9.28 -6.03
C GLY A 251 10.21 -8.66 -6.13
N GLY A 252 10.28 -7.33 -6.16
CA GLY A 252 11.56 -6.66 -6.27
C GLY A 252 12.45 -6.75 -5.05
N GLY A 253 12.57 -7.94 -4.45
CA GLY A 253 13.42 -8.10 -3.28
C GLY A 253 14.90 -7.86 -3.55
N GLN A 254 15.34 -8.14 -4.79
CA GLN A 254 16.74 -7.94 -5.18
C GLN A 254 17.10 -6.47 -5.42
N TRP A 255 16.11 -5.69 -5.86
CA TRP A 255 16.28 -4.27 -6.14
C TRP A 255 16.36 -3.53 -4.81
N LEU A 256 16.20 -4.28 -3.72
CA LEU A 256 16.19 -3.78 -2.35
C LEU A 256 17.21 -2.68 -2.01
N GLU A 257 18.37 -2.76 -2.62
CA GLU A 257 19.46 -1.81 -2.37
C GLU A 257 19.19 -0.42 -2.93
N ALA A 258 18.75 -0.35 -4.19
CA ALA A 258 18.47 0.93 -4.84
C ALA A 258 17.32 1.68 -4.15
N MET A 259 16.26 0.94 -3.84
CA MET A 259 15.08 1.49 -3.17
C MET A 259 15.45 2.30 -1.92
N ALA A 260 16.34 1.76 -1.09
CA ALA A 260 16.74 2.42 0.14
C ALA A 260 17.30 3.79 -0.15
N GLU A 261 17.92 3.95 -1.32
CA GLU A 261 18.47 5.26 -1.66
C GLU A 261 17.33 6.23 -2.02
N THR A 262 16.10 5.74 -1.95
CA THR A 262 14.97 6.52 -2.40
C THR A 262 14.60 7.77 -1.61
N GLY A 263 14.86 7.75 -0.32
CA GLY A 263 14.51 8.87 0.53
C GLY A 263 13.50 8.29 1.49
N CYS A 264 12.74 7.32 0.99
CA CYS A 264 11.70 6.65 1.76
C CYS A 264 12.17 6.10 3.11
N ASP A 265 11.26 6.05 4.07
CA ASP A 265 11.56 5.57 5.41
C ASP A 265 11.47 4.07 5.53
N ALA A 266 10.48 3.47 4.89
CA ALA A 266 10.31 2.02 4.98
C ALA A 266 10.15 1.30 3.64
N LEU A 267 10.59 0.05 3.61
CA LEU A 267 10.48 -0.80 2.42
C LEU A 267 9.64 -2.03 2.78
N GLY A 268 8.72 -2.39 1.88
CA GLY A 268 7.87 -3.53 2.10
C GLY A 268 8.52 -4.76 1.51
N LEU A 269 8.09 -5.95 1.94
CA LEU A 269 8.66 -7.19 1.43
C LEU A 269 7.59 -8.25 1.26
N ASP A 270 7.95 -9.34 0.59
CA ASP A 270 7.04 -10.45 0.40
C ASP A 270 7.82 -11.73 0.71
N TRP A 271 7.11 -12.81 1.00
CA TRP A 271 7.73 -14.07 1.33
C TRP A 271 8.84 -14.57 0.39
N THR A 272 9.09 -13.85 -0.70
CA THR A 272 10.10 -14.22 -1.68
C THR A 272 11.48 -13.73 -1.27
N THR A 273 11.51 -12.77 -0.35
CA THR A 273 12.77 -12.24 0.14
C THR A 273 12.93 -12.62 1.61
N ASP A 274 14.14 -13.01 1.99
CA ASP A 274 14.41 -13.40 3.36
C ASP A 274 14.54 -12.17 4.25
N ILE A 275 13.74 -12.13 5.31
CA ILE A 275 13.74 -10.99 6.23
C ILE A 275 15.16 -10.70 6.70
N ALA A 276 15.82 -11.70 7.28
CA ALA A 276 17.18 -11.50 7.77
C ALA A 276 18.06 -10.91 6.69
N ASP A 277 17.99 -11.51 5.52
CA ASP A 277 18.76 -11.06 4.37
C ASP A 277 18.53 -9.59 4.11
N ALA A 278 17.26 -9.24 3.94
CA ALA A 278 16.86 -7.88 3.68
C ALA A 278 17.41 -6.92 4.74
N ARG A 279 17.23 -7.25 6.01
CA ARG A 279 17.70 -6.38 7.10
C ARG A 279 19.22 -6.27 7.13
N ARG A 280 19.88 -7.34 6.76
CA ARG A 280 21.33 -7.37 6.73
C ARG A 280 21.84 -6.49 5.58
N ARG A 281 20.96 -6.24 4.61
CA ARG A 281 21.30 -5.46 3.43
C ARG A 281 20.82 -4.00 3.42
N VAL A 282 19.90 -3.65 4.32
CA VAL A 282 19.38 -2.28 4.36
C VAL A 282 18.94 -1.89 5.76
N GLY A 283 18.82 -2.90 6.62
CA GLY A 283 18.40 -2.69 8.00
C GLY A 283 18.81 -1.36 8.60
N ASN A 284 20.10 -1.08 8.62
CA ASN A 284 20.60 0.18 9.16
C ASN A 284 20.59 1.20 8.05
N LYS A 285 19.38 1.58 7.65
CA LYS A 285 19.15 2.55 6.60
C LYS A 285 17.64 2.77 6.45
N VAL A 286 16.88 1.69 6.53
CA VAL A 286 15.43 1.77 6.36
C VAL A 286 14.67 0.71 7.16
N ALA A 287 13.47 1.04 7.62
CA ALA A 287 12.66 0.10 8.36
C ALA A 287 12.01 -0.85 7.35
N LEU A 288 11.67 -2.06 7.80
CA LEU A 288 11.07 -3.06 6.92
C LEU A 288 9.63 -3.40 7.31
N GLN A 289 8.80 -3.73 6.32
CA GLN A 289 7.40 -4.05 6.58
C GLN A 289 6.97 -5.46 6.15
N GLY A 290 6.50 -6.23 7.13
CA GLY A 290 6.01 -7.58 6.93
C GLY A 290 6.80 -8.47 6.00
N ASN A 291 6.26 -9.65 5.71
CA ASN A 291 6.95 -10.58 4.83
C ASN A 291 6.21 -11.91 4.66
N MET A 292 5.30 -12.21 5.59
CA MET A 292 4.58 -13.49 5.54
C MET A 292 3.74 -13.76 4.31
N ASP A 293 3.43 -15.05 4.11
CA ASP A 293 2.62 -15.48 2.99
C ASP A 293 1.18 -15.57 3.49
N PRO A 294 0.26 -14.87 2.80
CA PRO A 294 -1.16 -14.84 3.16
C PRO A 294 -1.80 -16.21 3.26
N SER A 295 -1.34 -17.14 2.43
CA SER A 295 -1.90 -18.49 2.42
C SER A 295 -1.59 -19.23 3.72
N MET A 296 -0.55 -18.77 4.40
CA MET A 296 -0.17 -19.37 5.67
C MET A 296 -1.31 -19.25 6.68
N LEU A 297 -2.17 -18.25 6.49
CA LEU A 297 -3.30 -18.04 7.40
C LEU A 297 -4.33 -19.17 7.32
N TYR A 298 -4.15 -20.10 6.39
CA TYR A 298 -5.07 -21.24 6.26
C TYR A 298 -4.63 -22.32 7.25
N ALA A 299 -3.35 -22.29 7.59
CA ALA A 299 -2.77 -23.26 8.52
C ALA A 299 -3.47 -23.22 9.87
N PRO A 300 -3.23 -24.24 10.71
CA PRO A 300 -3.84 -24.30 12.04
C PRO A 300 -3.17 -23.25 12.92
N PRO A 301 -3.95 -22.59 13.80
CA PRO A 301 -3.37 -21.58 14.68
C PRO A 301 -1.91 -21.82 15.08
N ALA A 302 -1.66 -22.94 15.76
CA ALA A 302 -0.32 -23.29 16.19
C ALA A 302 0.77 -23.08 15.13
N ARG A 303 0.47 -23.50 13.90
CA ARG A 303 1.42 -23.38 12.81
C ARG A 303 1.68 -21.92 12.45
N ILE A 304 0.62 -21.15 12.33
CA ILE A 304 0.73 -19.72 12.01
C ILE A 304 1.66 -19.06 13.01
N GLU A 305 1.36 -19.25 14.30
CA GLU A 305 2.14 -18.66 15.37
C GLU A 305 3.63 -18.87 15.18
N GLU A 306 4.02 -20.07 14.78
CA GLU A 306 5.43 -20.36 14.58
C GLU A 306 6.05 -19.68 13.36
N GLU A 307 5.21 -19.16 12.47
CA GLU A 307 5.70 -18.45 11.29
C GLU A 307 5.92 -16.99 11.71
N VAL A 308 5.14 -16.54 12.70
CA VAL A 308 5.29 -15.19 13.24
C VAL A 308 6.63 -15.21 13.96
N ALA A 309 6.81 -16.25 14.76
CA ALA A 309 8.02 -16.46 15.53
C ALA A 309 9.23 -16.64 14.62
N THR A 310 9.06 -17.39 13.55
CA THR A 310 10.16 -17.58 12.58
C THR A 310 10.52 -16.22 11.99
N ILE A 311 9.54 -15.56 11.40
CA ILE A 311 9.76 -14.25 10.81
C ILE A 311 10.27 -13.23 11.82
N LEU A 312 9.81 -13.30 13.07
CA LEU A 312 10.26 -12.37 14.12
C LEU A 312 11.75 -12.58 14.37
N ALA A 313 12.21 -13.79 14.10
CA ALA A 313 13.63 -14.10 14.21
C ALA A 313 14.10 -13.84 12.77
N GLY A 314 15.39 -13.65 12.55
CA GLY A 314 15.79 -13.33 11.18
C GLY A 314 15.79 -11.82 11.17
N PHE A 315 14.89 -11.25 11.95
CA PHE A 315 14.86 -9.82 12.13
C PHE A 315 15.20 -9.67 13.62
N GLY A 316 14.18 -9.93 14.45
CA GLY A 316 14.28 -9.90 15.91
C GLY A 316 15.06 -8.79 16.60
N HIS A 317 16.22 -9.17 17.12
CA HIS A 317 17.09 -8.22 17.80
C HIS A 317 16.90 -6.70 17.67
N GLY A 318 16.76 -6.14 16.48
CA GLY A 318 16.61 -4.70 16.38
C GLY A 318 15.38 -3.96 16.88
N GLU A 319 15.15 -2.88 16.16
CA GLU A 319 14.04 -1.97 16.32
C GLU A 319 13.23 -1.56 15.11
N GLY A 320 13.80 -1.45 13.92
CA GLY A 320 12.97 -1.05 12.77
C GLY A 320 12.18 -2.06 11.95
N HIS A 321 11.08 -2.54 12.52
CA HIS A 321 10.24 -3.53 11.84
C HIS A 321 8.74 -3.40 12.12
N VAL A 322 7.96 -3.57 11.07
CA VAL A 322 6.50 -3.55 11.15
C VAL A 322 6.11 -4.88 10.54
N PHE A 323 5.46 -5.75 11.29
CA PHE A 323 5.10 -7.05 10.75
C PHE A 323 3.94 -6.85 9.78
N ASN A 324 3.84 -7.72 8.79
CA ASN A 324 2.78 -7.62 7.79
C ASN A 324 2.84 -8.82 6.86
N LEU A 325 1.84 -8.93 5.98
CA LEU A 325 1.79 -10.01 5.01
C LEU A 325 2.46 -9.50 3.75
N GLY A 326 2.77 -10.40 2.82
CA GLY A 326 3.40 -10.01 1.57
C GLY A 326 2.35 -9.67 0.52
N HIS A 327 1.09 -9.94 0.85
CA HIS A 327 -0.03 -9.65 -0.07
C HIS A 327 -1.35 -9.67 0.73
N GLY A 328 -2.36 -9.00 0.19
CA GLY A 328 -3.64 -8.94 0.88
C GLY A 328 -4.22 -10.29 1.25
N ILE A 329 -5.20 -10.28 2.16
CA ILE A 329 -5.86 -11.50 2.62
C ILE A 329 -6.82 -12.00 1.55
N HIS A 330 -6.93 -13.33 1.43
CA HIS A 330 -7.82 -13.94 0.44
C HIS A 330 -9.14 -14.23 1.15
N GLN A 331 -10.25 -13.87 0.51
CA GLN A 331 -11.60 -14.05 1.06
C GLN A 331 -11.84 -15.28 1.95
N ASP A 332 -11.30 -16.43 1.55
CA ASP A 332 -11.52 -17.67 2.31
C ASP A 332 -10.87 -17.83 3.67
N VAL A 333 -9.97 -16.93 4.04
CA VAL A 333 -9.32 -17.04 5.33
C VAL A 333 -10.32 -16.79 6.45
N PRO A 334 -10.32 -17.66 7.47
CA PRO A 334 -11.23 -17.53 8.61
C PRO A 334 -10.86 -16.35 9.51
N PRO A 335 -11.87 -15.60 9.96
CA PRO A 335 -11.68 -14.43 10.83
C PRO A 335 -10.83 -14.65 12.08
N GLU A 336 -11.16 -15.65 12.91
CA GLU A 336 -10.38 -15.89 14.12
C GLU A 336 -8.97 -16.40 13.82
N HIS A 337 -8.69 -16.68 12.55
CA HIS A 337 -7.36 -17.15 12.20
C HIS A 337 -6.40 -15.97 12.08
N ALA A 338 -6.92 -14.82 11.65
CA ALA A 338 -6.12 -13.61 11.52
C ALA A 338 -5.88 -13.13 12.94
N GLY A 339 -6.93 -13.20 13.75
CA GLY A 339 -6.82 -12.78 15.14
C GLY A 339 -5.69 -13.52 15.82
N VAL A 340 -5.51 -14.79 15.45
CA VAL A 340 -4.44 -15.57 16.05
C VAL A 340 -3.13 -14.95 15.64
N PHE A 341 -3.04 -14.60 14.35
CA PHE A 341 -1.85 -14.00 13.78
C PHE A 341 -1.54 -12.66 14.44
N VAL A 342 -2.57 -11.81 14.54
CA VAL A 342 -2.39 -10.49 15.15
C VAL A 342 -1.95 -10.59 16.61
N GLU A 343 -2.29 -11.69 17.28
CA GLU A 343 -1.88 -11.81 18.67
C GLU A 343 -0.49 -12.43 18.79
N ALA A 344 -0.11 -13.22 17.81
CA ALA A 344 1.20 -13.86 17.82
C ALA A 344 2.31 -12.83 17.65
N VAL A 345 2.06 -11.81 16.85
CA VAL A 345 3.09 -10.78 16.64
C VAL A 345 3.30 -9.96 17.91
N HIS A 346 2.23 -9.67 18.65
CA HIS A 346 2.37 -8.90 19.87
C HIS A 346 3.01 -9.70 21.01
N ARG A 347 2.41 -10.83 21.33
CA ARG A 347 2.90 -11.71 22.39
C ARG A 347 4.35 -12.14 22.19
N LEU A 348 4.66 -12.65 20.99
CA LEU A 348 5.99 -13.19 20.66
C LEU A 348 7.08 -12.26 20.15
N SER A 349 6.77 -10.98 19.97
CA SER A 349 7.77 -10.05 19.47
C SER A 349 8.34 -9.20 20.57
N GLU A 350 7.68 -9.24 21.73
CA GLU A 350 8.10 -8.45 22.87
C GLU A 350 9.47 -8.83 23.41
N GLN A 351 9.96 -10.01 23.05
CA GLN A 351 11.27 -10.43 23.52
C GLN A 351 12.40 -9.77 22.72
N TYR A 352 12.08 -9.29 21.54
CA TYR A 352 13.07 -8.66 20.68
C TYR A 352 13.22 -7.18 20.92
N HIS A 353 12.66 -6.69 22.01
CA HIS A 353 12.73 -5.27 22.34
C HIS A 353 13.17 -5.05 23.78
N ARG A 354 13.81 -6.06 24.37
CA ARG A 354 14.28 -5.98 25.76
C ARG A 354 15.81 -6.05 25.85
#